data_2O0C
#
_entry.id   2O0C
#
_cell.length_a   123.564
_cell.length_b   123.564
_cell.length_c   123.564
_cell.angle_alpha   90.000
_cell.angle_beta   90.000
_cell.angle_gamma   90.000
#
_symmetry.space_group_name_H-M   'P 21 3'
#
loop_
_entity.id
_entity.type
_entity.pdbx_description
1 polymer 'Alr2278 protein'
2 non-polymer 'PROTOPORPHYRIN IX CONTAINING FE'
3 non-polymer 'NITRIC OXIDE'
4 water water
#
_entity_poly.entity_id   1
_entity_poly.type   'polypeptide(L)'
_entity_poly.pdbx_seq_one_letter_code
;MYGLVNKAIQDMISKHHGEDTWEAIKQKAGLEDIDFFVGMEAYSDDVTYHLVGAASEVLGKPAEELLIAFGEYWVTYTSE
EGYGELLASAGDSLPEFMENLDNLHARVGLSFPQLRPPAFECQHTSSKSMELHYQSTRCGLAPMVLGLLHGLGKRFQTKV
EVTQTAFRETGEDHDIFSIKYEDSNLYDD
;
_entity_poly.pdbx_strand_id   A,B
#
loop_
_chem_comp.id
_chem_comp.type
_chem_comp.name
_chem_comp.formula
HEM non-polymer 'PROTOPORPHYRIN IX CONTAINING FE' 'C34 H32 Fe N4 O4'
NO non-polymer 'NITRIC OXIDE' 'N O'
#
# COMPACT_ATOMS: atom_id res chain seq x y z
N MET A 1 5.16 -11.63 1.46
CA MET A 1 5.58 -11.34 0.06
C MET A 1 5.70 -12.64 -0.74
N TYR A 2 5.51 -12.58 -2.04
CA TYR A 2 5.64 -13.77 -2.89
C TYR A 2 7.03 -14.39 -2.82
N GLY A 3 7.06 -15.71 -2.99
CA GLY A 3 8.28 -16.52 -2.79
C GLY A 3 9.45 -16.05 -3.60
N LEU A 4 9.17 -15.50 -4.76
CA LEU A 4 10.17 -14.90 -5.61
C LEU A 4 11.15 -14.02 -4.82
N VAL A 5 10.62 -13.17 -3.95
CA VAL A 5 11.47 -12.30 -3.12
C VAL A 5 12.37 -13.13 -2.18
N ASN A 6 11.77 -14.09 -1.49
CA ASN A 6 12.48 -14.95 -0.56
C ASN A 6 13.50 -15.88 -1.26
N LYS A 7 13.15 -16.38 -2.45
CA LYS A 7 14.11 -17.14 -3.22
C LYS A 7 15.32 -16.29 -3.54
N ALA A 8 15.10 -15.02 -3.87
CA ALA A 8 16.18 -14.15 -4.29
C ALA A 8 17.11 -13.82 -3.13
N ILE A 9 16.55 -13.59 -1.95
CA ILE A 9 17.36 -13.38 -0.75
C ILE A 9 18.18 -14.64 -0.46
N GLN A 10 17.49 -15.79 -0.51
CA GLN A 10 18.16 -17.07 -0.35
C GLN A 10 19.32 -17.17 -1.33
N ASP A 11 19.05 -16.81 -2.58
CA ASP A 11 20.01 -16.91 -3.67
C ASP A 11 21.16 -15.99 -3.43
N MET A 12 20.87 -14.77 -3.02
CA MET A 12 21.92 -13.80 -2.81
C MET A 12 22.90 -14.28 -1.76
N ILE A 13 22.36 -14.83 -0.67
CA ILE A 13 23.16 -15.28 0.47
C ILE A 13 24.03 -16.47 0.09
N SER A 14 23.41 -17.44 -0.56
CA SER A 14 24.10 -18.67 -0.99
C SER A 14 25.24 -18.38 -1.97
N LYS A 15 25.01 -17.53 -2.95
CA LYS A 15 26.06 -17.15 -3.92
C LYS A 15 27.27 -16.50 -3.25
N HIS A 16 27.02 -15.74 -2.18
CA HIS A 16 28.07 -14.97 -1.49
C HIS A 16 28.70 -15.69 -0.28
N HIS A 17 27.94 -16.56 0.38
CA HIS A 17 28.37 -17.20 1.63
C HIS A 17 28.17 -18.73 1.67
N GLY A 18 27.85 -19.33 0.53
CA GLY A 18 27.66 -20.80 0.46
C GLY A 18 26.52 -21.39 1.28
N GLU A 19 26.20 -22.65 1.01
CA GLU A 19 25.05 -23.35 1.60
C GLU A 19 25.10 -23.53 3.11
N ASP A 20 26.29 -23.53 3.70
CA ASP A 20 26.46 -23.68 5.15
C ASP A 20 25.77 -22.54 5.90
N THR A 21 26.18 -21.33 5.55
CA THR A 21 25.63 -20.11 6.12
C THR A 21 24.11 -20.01 5.89
N TRP A 22 23.67 -20.42 4.71
CA TRP A 22 22.23 -20.36 4.39
C TRP A 22 21.38 -21.19 5.35
N GLU A 23 21.83 -22.41 5.63
CA GLU A 23 21.13 -23.30 6.56
C GLU A 23 21.10 -22.71 7.98
N ALA A 24 22.20 -22.06 8.37
CA ALA A 24 22.28 -21.36 9.66
C ALA A 24 21.17 -20.32 9.79
N ILE A 25 21.13 -19.43 8.79
CA ILE A 25 20.15 -18.35 8.69
C ILE A 25 18.73 -18.88 8.63
N LYS A 26 18.55 -19.95 7.84
CA LYS A 26 17.25 -20.60 7.69
C LYS A 26 16.79 -21.11 9.05
N GLN A 27 17.72 -21.74 9.78
CA GLN A 27 17.48 -22.21 11.15
C GLN A 27 17.04 -21.10 12.10
N LYS A 28 17.88 -20.07 12.24
CA LYS A 28 17.59 -18.92 13.13
C LYS A 28 16.30 -18.17 12.79
N ALA A 29 15.92 -18.13 11.52
CA ALA A 29 14.67 -17.48 11.11
C ALA A 29 13.43 -18.27 11.52
N GLY A 30 13.63 -19.51 11.95
CA GLY A 30 12.51 -20.37 12.34
C GLY A 30 11.79 -20.91 11.11
N LEU A 31 12.56 -21.39 10.15
CA LEU A 31 12.03 -21.80 8.85
C LEU A 31 12.63 -23.13 8.36
N GLU A 32 12.84 -24.08 9.26
CA GLU A 32 13.32 -25.39 8.82
C GLU A 32 12.15 -26.30 8.44
N ASP A 33 10.94 -25.85 8.76
CA ASP A 33 9.69 -26.44 8.25
C ASP A 33 9.69 -26.40 6.72
N ILE A 34 10.22 -25.31 6.18
CA ILE A 34 10.17 -24.97 4.76
C ILE A 34 11.35 -25.56 3.98
N ASP A 35 11.05 -26.49 3.08
CA ASP A 35 12.09 -27.18 2.33
C ASP A 35 12.72 -26.26 1.28
N PHE A 36 11.86 -25.57 0.52
CA PHE A 36 12.24 -24.57 -0.48
C PHE A 36 11.11 -23.55 -0.64
N PHE A 37 11.44 -22.36 -1.12
CA PHE A 37 10.44 -21.35 -1.40
C PHE A 37 9.86 -21.62 -2.78
N VAL A 38 8.58 -21.26 -2.94
CA VAL A 38 7.86 -21.44 -4.21
C VAL A 38 7.64 -20.05 -4.84
N GLY A 39 8.19 -19.84 -6.03
CA GLY A 39 8.22 -18.52 -6.67
C GLY A 39 6.91 -17.74 -6.70
N MET A 40 5.83 -18.42 -7.08
CA MET A 40 4.58 -17.76 -7.39
C MET A 40 3.55 -17.93 -6.29
N GLU A 41 4.01 -18.34 -5.11
CA GLU A 41 3.16 -18.54 -3.95
C GLU A 41 3.32 -17.38 -2.95
N ALA A 42 2.22 -17.00 -2.30
CA ALA A 42 2.19 -15.93 -1.30
C ALA A 42 2.66 -16.45 0.04
N TYR A 43 3.59 -15.75 0.67
CA TYR A 43 4.02 -16.05 2.04
C TYR A 43 3.68 -14.92 2.97
N SER A 44 3.68 -15.18 4.26
CA SER A 44 3.53 -14.12 5.24
C SER A 44 4.80 -13.25 5.18
N ASP A 45 4.60 -11.93 5.17
CA ASP A 45 5.71 -10.94 5.13
C ASP A 45 6.72 -11.23 6.21
N ASP A 46 6.24 -11.77 7.33
CA ASP A 46 7.08 -12.15 8.47
C ASP A 46 8.19 -13.11 8.05
N VAL A 47 7.94 -13.95 7.05
CA VAL A 47 8.97 -14.85 6.54
C VAL A 47 10.14 -14.02 6.04
N THR A 48 9.87 -12.92 5.33
CA THR A 48 10.96 -12.08 4.85
C THR A 48 11.64 -11.34 5.98
N TYR A 49 10.87 -10.65 6.83
CA TYR A 49 11.45 -9.97 8.00
C TYR A 49 12.34 -10.90 8.86
N HIS A 50 11.83 -12.09 9.20
CA HIS A 50 12.62 -13.07 9.94
C HIS A 50 13.87 -13.53 9.20
N LEU A 51 13.78 -13.61 7.88
CA LEU A 51 14.92 -13.92 7.05
C LEU A 51 16.01 -12.87 7.13
N VAL A 52 15.64 -11.60 6.96
CA VAL A 52 16.57 -10.47 7.00
C VAL A 52 17.14 -10.32 8.40
N GLY A 53 16.26 -10.43 9.40
CA GLY A 53 16.68 -10.50 10.82
C GLY A 53 17.76 -11.55 11.08
N ALA A 54 17.52 -12.78 10.64
CA ALA A 54 18.49 -13.86 10.84
C ALA A 54 19.80 -13.60 10.14
N ALA A 55 19.76 -13.28 8.84
CA ALA A 55 20.98 -13.04 8.07
C ALA A 55 21.79 -11.91 8.68
N SER A 56 21.11 -10.95 9.28
CA SER A 56 21.80 -9.85 9.98
C SER A 56 22.66 -10.37 11.15
N GLU A 57 22.02 -11.13 12.01
CA GLU A 57 22.67 -11.76 13.15
C GLU A 57 23.81 -12.68 12.72
N VAL A 58 23.55 -13.62 11.81
CA VAL A 58 24.56 -14.59 11.41
C VAL A 58 25.72 -13.94 10.70
N LEU A 59 25.44 -12.94 9.86
CA LEU A 59 26.48 -12.35 9.00
C LEU A 59 27.23 -11.19 9.63
N GLY A 60 26.67 -10.63 10.70
CA GLY A 60 27.28 -9.50 11.39
C GLY A 60 27.16 -8.20 10.63
N LYS A 61 26.19 -8.14 9.73
CA LYS A 61 25.83 -6.93 8.99
C LYS A 61 24.47 -6.42 9.47
N PRO A 62 24.26 -5.09 9.49
CA PRO A 62 22.92 -4.57 9.82
C PRO A 62 21.90 -4.92 8.74
N ALA A 63 20.64 -5.05 9.15
CA ALA A 63 19.55 -5.38 8.20
C ALA A 63 19.56 -4.41 7.02
N GLU A 64 19.69 -3.13 7.34
CA GLU A 64 19.62 -2.07 6.34
C GLU A 64 20.72 -2.21 5.30
N GLU A 65 21.90 -2.63 5.73
CA GLU A 65 23.01 -2.89 4.82
C GLU A 65 22.65 -4.02 3.84
N LEU A 66 22.02 -5.07 4.38
CA LEU A 66 21.57 -6.19 3.58
C LEU A 66 20.43 -5.81 2.64
N LEU A 67 19.51 -4.97 3.10
CA LEU A 67 18.44 -4.53 2.23
C LEU A 67 19.03 -3.78 1.03
N ILE A 68 20.05 -2.95 1.28
CA ILE A 68 20.72 -2.24 0.19
C ILE A 68 21.32 -3.19 -0.82
N ALA A 69 22.06 -4.20 -0.36
CA ALA A 69 22.67 -5.19 -1.25
C ALA A 69 21.59 -5.92 -2.04
N PHE A 70 20.55 -6.38 -1.34
CA PHE A 70 19.43 -7.08 -1.96
C PHE A 70 18.74 -6.27 -3.07
N GLY A 71 18.55 -4.98 -2.80
CA GLY A 71 18.02 -4.06 -3.77
C GLY A 71 18.81 -4.09 -5.05
N GLU A 72 20.13 -3.99 -4.94
CA GLU A 72 20.98 -4.06 -6.13
C GLU A 72 20.83 -5.40 -6.82
N TYR A 73 20.77 -6.45 -6.02
CA TYR A 73 20.79 -7.80 -6.50
C TYR A 73 19.54 -8.09 -7.33
N TRP A 74 18.40 -7.59 -6.86
CA TRP A 74 17.11 -7.83 -7.46
C TRP A 74 17.06 -7.45 -8.93
N VAL A 75 17.78 -6.40 -9.31
CA VAL A 75 17.74 -5.94 -10.70
C VAL A 75 18.33 -6.97 -11.65
N THR A 76 19.43 -7.57 -11.23
CA THR A 76 20.09 -8.62 -11.98
C THR A 76 19.33 -9.93 -11.91
N TYR A 77 18.85 -10.28 -10.72
CA TYR A 77 18.22 -11.56 -10.47
C TYR A 77 16.93 -11.71 -11.29
N THR A 78 16.07 -10.70 -11.28
CA THR A 78 14.83 -10.74 -12.07
C THR A 78 15.09 -10.94 -13.57
N SER A 79 16.10 -10.28 -14.14
CA SER A 79 16.36 -10.45 -15.57
C SER A 79 16.79 -11.86 -15.92
N GLU A 80 17.25 -12.59 -14.91
CA GLU A 80 17.79 -13.89 -15.20
C GLU A 80 16.83 -14.98 -14.82
N GLU A 81 15.71 -14.62 -14.23
CA GLU A 81 14.80 -15.61 -13.65
C GLU A 81 13.38 -15.56 -14.21
N GLY A 82 13.20 -14.97 -15.39
CA GLY A 82 11.90 -14.89 -16.00
C GLY A 82 11.43 -13.52 -16.43
N TYR A 83 12.17 -12.48 -16.07
CA TYR A 83 11.65 -11.11 -16.20
C TYR A 83 12.53 -10.17 -17.01
N GLY A 84 13.44 -10.71 -17.81
CA GLY A 84 14.27 -9.91 -18.67
C GLY A 84 13.49 -9.05 -19.63
N GLU A 85 12.48 -9.64 -20.27
CA GLU A 85 11.73 -8.92 -21.30
C GLU A 85 10.91 -7.78 -20.69
N LEU A 86 10.23 -8.10 -19.59
CA LEU A 86 9.45 -7.12 -18.86
C LEU A 86 10.33 -5.93 -18.47
N LEU A 87 11.55 -6.21 -18.00
CA LEU A 87 12.47 -5.17 -17.63
C LEU A 87 12.83 -4.34 -18.84
N ALA A 88 13.17 -5.01 -19.94
CA ALA A 88 13.52 -4.30 -21.18
C ALA A 88 12.39 -3.38 -21.63
N SER A 89 11.14 -3.80 -21.40
CA SER A 89 9.97 -3.05 -21.82
C SER A 89 9.66 -1.87 -20.93
N ALA A 90 10.35 -1.76 -19.80
CA ALA A 90 10.04 -0.70 -18.85
C ALA A 90 10.86 0.56 -19.09
N GLY A 91 11.81 0.49 -20.02
CA GLY A 91 12.48 1.69 -20.46
C GLY A 91 13.95 1.49 -20.72
N ASP A 92 14.54 2.41 -21.47
CA ASP A 92 15.94 2.30 -21.81
C ASP A 92 16.71 3.47 -21.27
N SER A 93 16.26 3.96 -20.11
CA SER A 93 16.98 4.94 -19.31
C SER A 93 16.34 5.02 -17.93
N LEU A 94 17.13 5.38 -16.92
CA LEU A 94 16.68 5.39 -15.54
C LEU A 94 15.42 6.24 -15.28
N PRO A 95 15.41 7.51 -15.75
CA PRO A 95 14.21 8.30 -15.48
C PRO A 95 12.95 7.71 -16.11
N GLU A 96 13.08 7.17 -17.32
CA GLU A 96 11.98 6.48 -18.00
C GLU A 96 11.51 5.26 -17.18
N PHE A 97 12.46 4.41 -16.81
CA PHE A 97 12.16 3.23 -16.00
C PHE A 97 11.39 3.60 -14.73
N MET A 98 11.77 4.70 -14.10
CA MET A 98 11.07 5.11 -12.88
C MET A 98 9.63 5.52 -13.15
N GLU A 99 9.41 6.25 -14.25
CA GLU A 99 8.05 6.62 -14.66
C GLU A 99 7.21 5.37 -14.89
N ASN A 100 7.82 4.33 -15.46
CA ASN A 100 7.13 3.09 -15.80
C ASN A 100 6.98 2.11 -14.66
N LEU A 101 7.59 2.42 -13.52
CA LEU A 101 7.57 1.49 -12.40
C LEU A 101 6.17 1.03 -11.96
N ASP A 102 5.22 1.95 -11.76
CA ASP A 102 3.87 1.51 -11.35
C ASP A 102 3.25 0.62 -12.40
N ASN A 103 3.45 0.98 -13.68
CA ASN A 103 3.00 0.16 -14.80
C ASN A 103 3.63 -1.23 -14.79
N LEU A 104 4.94 -1.27 -14.56
CA LEU A 104 5.64 -2.55 -14.45
C LEU A 104 5.00 -3.45 -13.40
N HIS A 105 4.75 -2.94 -12.21
CA HIS A 105 4.18 -3.77 -11.16
C HIS A 105 2.74 -4.15 -11.43
N ALA A 106 2.01 -3.30 -12.15
CA ALA A 106 0.68 -3.67 -12.65
C ALA A 106 0.79 -4.91 -13.51
N ARG A 107 1.72 -4.89 -14.48
CA ARG A 107 1.95 -6.08 -15.32
C ARG A 107 2.21 -7.30 -14.44
N VAL A 108 3.23 -7.22 -13.61
CA VAL A 108 3.50 -8.28 -12.63
C VAL A 108 2.22 -8.67 -11.88
N GLY A 109 1.45 -7.69 -11.44
CA GLY A 109 0.17 -7.94 -10.75
C GLY A 109 -0.76 -8.93 -11.44
N LEU A 110 -0.70 -9.01 -12.77
CA LEU A 110 -1.54 -9.96 -13.50
C LEU A 110 -1.14 -11.42 -13.25
N SER A 111 0.16 -11.73 -13.25
CA SER A 111 0.65 -13.06 -12.89
C SER A 111 0.48 -13.32 -11.39
N PHE A 112 0.67 -12.28 -10.58
CA PHE A 112 0.66 -12.41 -9.12
C PHE A 112 -0.58 -11.74 -8.53
N PRO A 113 -1.73 -12.44 -8.52
CA PRO A 113 -3.01 -11.82 -8.13
C PRO A 113 -3.05 -11.16 -6.74
N GLN A 114 -2.27 -11.67 -5.79
CA GLN A 114 -2.25 -11.15 -4.43
C GLN A 114 -1.17 -10.07 -4.15
N LEU A 115 -0.52 -9.58 -5.21
CA LEU A 115 0.54 -8.57 -5.09
C LEU A 115 0.11 -7.37 -4.26
N ARG A 116 0.98 -6.94 -3.37
CA ARG A 116 0.81 -5.68 -2.68
C ARG A 116 1.99 -4.78 -3.08
N PRO A 117 1.95 -4.21 -4.30
CA PRO A 117 3.11 -3.48 -4.85
C PRO A 117 3.36 -2.13 -4.14
N PRO A 118 4.59 -1.58 -4.21
CA PRO A 118 4.81 -0.21 -3.76
C PRO A 118 4.26 0.77 -4.77
N ALA A 119 3.95 1.99 -4.33
CA ALA A 119 3.58 3.05 -5.27
C ALA A 119 4.70 4.08 -5.34
N PHE A 120 5.08 4.46 -6.56
CA PHE A 120 6.17 5.39 -6.80
C PHE A 120 5.71 6.51 -7.71
N GLU A 121 6.00 7.73 -7.33
CA GLU A 121 5.67 8.90 -8.13
C GLU A 121 6.93 9.75 -8.34
N CYS A 122 7.19 10.11 -9.61
CA CYS A 122 8.28 11.02 -9.99
C CYS A 122 7.82 12.45 -10.17
N GLN A 123 8.45 13.38 -9.47
CA GLN A 123 8.33 14.80 -9.79
C GLN A 123 9.68 15.19 -10.31
N HIS A 124 9.75 15.55 -11.58
CA HIS A 124 11.02 15.98 -12.16
C HIS A 124 11.40 17.38 -11.68
N THR A 125 12.70 17.68 -11.72
CA THR A 125 13.23 18.96 -11.28
C THR A 125 14.23 19.51 -12.31
N SER A 126 14.68 18.64 -13.22
CA SER A 126 15.53 19.00 -14.35
C SER A 126 15.78 17.73 -15.16
N SER A 127 16.55 17.83 -16.23
CA SER A 127 16.87 16.69 -17.09
C SER A 127 17.89 15.74 -16.46
N LYS A 128 18.43 16.14 -15.31
CA LYS A 128 19.41 15.33 -14.58
C LYS A 128 18.99 15.04 -13.13
N SER A 129 17.73 15.31 -12.78
CA SER A 129 17.30 15.19 -11.39
C SER A 129 15.79 14.97 -11.19
N MET A 130 15.43 14.32 -10.07
CA MET A 130 14.01 14.11 -9.72
C MET A 130 13.76 13.77 -8.26
N GLU A 131 12.57 14.12 -7.78
CA GLU A 131 12.06 13.63 -6.52
C GLU A 131 11.29 12.34 -6.74
N LEU A 132 11.66 11.29 -6.03
CA LEU A 132 10.94 10.03 -6.08
C LEU A 132 10.12 9.88 -4.80
N HIS A 133 8.81 9.69 -4.94
CA HIS A 133 7.94 9.46 -3.78
C HIS A 133 7.63 7.99 -3.65
N TYR A 134 7.85 7.45 -2.46
CA TYR A 134 7.72 6.02 -2.29
C TYR A 134 6.72 5.76 -1.18
N GLN A 135 5.64 5.05 -1.52
CA GLN A 135 4.57 4.74 -0.57
C GLN A 135 4.35 3.25 -0.53
N SER A 136 4.19 2.73 0.67
CA SER A 136 4.11 1.30 0.85
C SER A 136 3.20 0.90 2.02
N THR A 137 2.63 -0.29 1.96
CA THR A 137 1.93 -0.90 3.08
C THR A 137 2.91 -1.51 4.08
N ARG A 138 4.21 -1.44 3.80
CA ARG A 138 5.24 -2.08 4.64
C ARG A 138 6.24 -1.07 5.18
N CYS A 139 6.95 -1.45 6.23
CA CYS A 139 7.84 -0.55 6.92
C CYS A 139 9.29 -0.86 6.66
N GLY A 140 10.10 0.20 6.56
CA GLY A 140 11.54 0.07 6.56
C GLY A 140 12.18 -0.62 5.37
N LEU A 141 11.52 -0.53 4.21
CA LEU A 141 12.11 -1.04 2.99
C LEU A 141 12.79 0.04 2.16
N ALA A 142 12.70 1.28 2.61
CA ALA A 142 13.41 2.37 1.97
C ALA A 142 14.89 2.03 1.60
N PRO A 143 15.65 1.39 2.51
CA PRO A 143 17.01 0.96 2.09
C PRO A 143 17.06 0.08 0.84
N MET A 144 16.07 -0.79 0.69
CA MET A 144 15.94 -1.60 -0.52
C MET A 144 15.81 -0.72 -1.79
N VAL A 145 14.94 0.30 -1.74
CA VAL A 145 14.74 1.26 -2.85
C VAL A 145 16.07 1.87 -3.28
N LEU A 146 16.86 2.30 -2.30
CA LEU A 146 18.18 2.85 -2.56
C LEU A 146 19.04 1.90 -3.38
N GLY A 147 19.02 0.61 -3.04
CA GLY A 147 19.79 -0.39 -3.75
C GLY A 147 19.22 -0.68 -5.13
N LEU A 148 17.89 -0.73 -5.25
CA LEU A 148 17.24 -0.89 -6.54
C LEU A 148 17.67 0.23 -7.48
N LEU A 149 17.70 1.46 -6.96
CA LEU A 149 18.09 2.61 -7.76
C LEU A 149 19.52 2.51 -8.27
N HIS A 150 20.42 2.04 -7.42
CA HIS A 150 21.79 1.86 -7.86
C HIS A 150 21.90 0.73 -8.87
N GLY A 151 21.11 -0.34 -8.66
CA GLY A 151 21.04 -1.46 -9.57
C GLY A 151 20.63 -0.99 -10.96
N LEU A 152 19.74 0.00 -11.02
CA LEU A 152 19.26 0.55 -12.28
C LEU A 152 20.31 1.43 -12.95
N GLY A 153 21.00 2.26 -12.16
CA GLY A 153 22.19 2.96 -12.65
C GLY A 153 23.12 1.97 -13.33
N LYS A 154 23.41 0.87 -12.64
CA LYS A 154 24.30 -0.13 -13.22
C LYS A 154 23.69 -0.70 -14.49
N ARG A 155 22.37 -0.91 -14.49
CA ARG A 155 21.68 -1.38 -15.68
C ARG A 155 21.84 -0.42 -16.86
N PHE A 156 21.62 0.87 -16.65
CA PHE A 156 21.64 1.81 -17.78
C PHE A 156 22.98 2.52 -17.94
N GLN A 157 24.07 1.91 -17.48
CA GLN A 157 25.40 2.54 -17.49
C GLN A 157 25.30 4.02 -17.19
N THR A 158 24.64 4.34 -16.08
CA THR A 158 24.35 5.72 -15.71
C THR A 158 24.80 5.96 -14.26
N LYS A 159 25.43 7.11 -14.03
CA LYS A 159 25.85 7.49 -12.68
C LYS A 159 24.66 8.08 -11.93
N VAL A 160 24.37 7.56 -10.74
CA VAL A 160 23.28 8.12 -9.94
C VAL A 160 23.72 8.46 -8.54
N GLU A 161 23.20 9.55 -8.02
CA GLU A 161 23.26 9.84 -6.60
C GLU A 161 21.86 9.84 -6.01
N VAL A 162 21.67 9.11 -4.91
CA VAL A 162 20.38 8.98 -4.28
C VAL A 162 20.47 9.37 -2.84
N THR A 163 19.61 10.29 -2.42
CA THR A 163 19.61 10.71 -1.04
C THR A 163 18.18 10.79 -0.55
N GLN A 164 17.89 10.10 0.54
CA GLN A 164 16.58 10.24 1.15
C GLN A 164 16.42 11.58 1.86
N THR A 165 15.37 12.32 1.49
CA THR A 165 15.10 13.65 2.05
C THR A 165 13.96 13.68 3.07
N ALA A 166 13.14 12.61 3.10
CA ALA A 166 12.03 12.50 4.04
C ALA A 166 11.90 11.04 4.44
N PHE A 167 11.53 10.81 5.71
CA PHE A 167 11.47 9.48 6.27
C PHE A 167 10.17 9.25 7.01
N ARG A 168 9.40 8.23 6.65
CA ARG A 168 8.32 7.75 7.52
C ARG A 168 8.73 7.74 9.00
N GLU A 169 9.94 7.27 9.27
CA GLU A 169 10.44 7.13 10.64
C GLU A 169 10.55 8.46 11.42
N THR A 170 10.85 9.58 10.75
CA THR A 170 10.87 10.88 11.43
C THR A 170 9.46 11.41 11.67
N GLY A 171 8.47 10.87 10.96
CA GLY A 171 7.07 11.26 11.10
C GLY A 171 6.42 11.83 9.86
N GLU A 172 7.17 11.88 8.75
CA GLU A 172 6.66 12.36 7.46
C GLU A 172 5.64 11.37 6.86
N ASP A 173 4.78 11.84 5.95
CA ASP A 173 3.76 10.97 5.34
C ASP A 173 4.38 9.73 4.67
N HIS A 174 5.39 9.95 3.83
CA HIS A 174 6.02 8.89 3.08
C HIS A 174 7.49 9.23 2.77
N ASP A 175 8.28 8.20 2.48
CA ASP A 175 9.69 8.34 2.09
C ASP A 175 9.80 9.07 0.76
N ILE A 176 10.76 9.97 0.68
CA ILE A 176 11.01 10.73 -0.54
C ILE A 176 12.50 10.67 -0.76
N PHE A 177 12.89 10.49 -2.02
CA PHE A 177 14.30 10.44 -2.41
C PHE A 177 14.57 11.52 -3.44
N SER A 178 15.65 12.26 -3.26
CA SER A 178 16.15 13.11 -4.32
C SER A 178 17.21 12.35 -5.08
N ILE A 179 17.14 12.41 -6.41
CA ILE A 179 17.99 11.58 -7.27
C ILE A 179 18.58 12.48 -8.34
N LYS A 180 19.88 12.34 -8.57
CA LYS A 180 20.58 13.02 -9.64
C LYS A 180 21.21 11.97 -10.50
N TYR A 181 21.18 12.17 -11.81
CA TYR A 181 21.63 11.16 -12.76
C TYR A 181 22.34 11.76 -13.97
N GLU A 182 23.26 10.97 -14.54
CA GLU A 182 24.10 11.29 -15.70
C GLU A 182 23.29 11.88 -16.87
N MET B 1 -6.86 9.27 -5.34
CA MET B 1 -7.97 8.28 -5.30
C MET B 1 -8.95 8.49 -6.43
N TYR B 2 -9.63 7.40 -6.80
CA TYR B 2 -10.60 7.44 -7.87
C TYR B 2 -11.80 8.34 -7.55
N GLY B 3 -12.32 9.00 -8.59
CA GLY B 3 -13.36 10.02 -8.45
C GLY B 3 -14.54 9.52 -7.63
N LEU B 4 -14.74 8.21 -7.73
CA LEU B 4 -15.76 7.52 -6.97
C LEU B 4 -15.74 7.93 -5.50
N VAL B 5 -14.55 8.05 -4.94
CA VAL B 5 -14.41 8.46 -3.54
C VAL B 5 -14.83 9.91 -3.37
N ASN B 6 -14.38 10.75 -4.28
CA ASN B 6 -14.70 12.17 -4.20
C ASN B 6 -16.18 12.50 -4.42
N LYS B 7 -16.83 11.89 -5.42
CA LYS B 7 -18.27 12.04 -5.62
C LYS B 7 -19.02 11.67 -4.37
N ALA B 8 -18.65 10.55 -3.75
CA ALA B 8 -19.31 10.10 -2.54
C ALA B 8 -19.15 11.09 -1.38
N ILE B 9 -18.01 11.76 -1.29
CA ILE B 9 -17.86 12.76 -0.24
C ILE B 9 -18.78 13.94 -0.58
N GLN B 10 -18.64 14.45 -1.80
CA GLN B 10 -19.53 15.49 -2.29
C GLN B 10 -20.98 15.12 -2.00
N ASP B 11 -21.42 13.98 -2.52
CA ASP B 11 -22.75 13.46 -2.26
C ASP B 11 -23.15 13.52 -0.79
N MET B 12 -22.29 13.00 0.08
CA MET B 12 -22.58 12.95 1.51
C MET B 12 -22.92 14.34 2.03
N ILE B 13 -22.05 15.29 1.72
CA ILE B 13 -22.17 16.65 2.18
C ILE B 13 -23.41 17.30 1.59
N SER B 14 -23.43 17.45 0.28
CA SER B 14 -24.58 17.92 -0.46
C SER B 14 -25.92 17.47 0.12
N LYS B 15 -25.99 16.23 0.56
CA LYS B 15 -27.22 15.63 1.10
C LYS B 15 -27.91 16.44 2.19
N HIS B 16 -27.25 16.57 3.34
CA HIS B 16 -27.85 17.24 4.51
C HIS B 16 -27.17 18.58 4.86
N HIS B 17 -26.63 19.25 3.84
CA HIS B 17 -26.04 20.58 4.02
C HIS B 17 -26.36 21.49 2.84
N GLY B 18 -27.00 20.94 1.81
CA GLY B 18 -27.36 21.70 0.62
C GLY B 18 -26.20 22.02 -0.29
N GLU B 19 -26.52 22.44 -1.52
CA GLU B 19 -25.51 22.72 -2.56
C GLU B 19 -24.89 24.11 -2.46
N ASP B 20 -25.15 24.81 -1.35
CA ASP B 20 -24.55 26.12 -1.10
C ASP B 20 -23.26 25.97 -0.30
N THR B 21 -23.34 25.16 0.76
CA THR B 21 -22.20 24.76 1.58
C THR B 21 -21.08 24.17 0.73
N TRP B 22 -21.47 23.26 -0.17
CA TRP B 22 -20.52 22.55 -1.03
C TRP B 22 -19.65 23.51 -1.83
N GLU B 23 -20.27 24.55 -2.38
CA GLU B 23 -19.58 25.58 -3.17
C GLU B 23 -18.41 26.20 -2.42
N ALA B 24 -18.62 26.43 -1.11
CA ALA B 24 -17.58 26.97 -0.24
C ALA B 24 -16.41 25.99 -0.11
N ILE B 25 -16.75 24.74 0.24
CA ILE B 25 -15.79 23.66 0.42
C ILE B 25 -15.00 23.47 -0.88
N LYS B 26 -15.74 23.27 -1.96
CA LYS B 26 -15.17 23.12 -3.29
C LYS B 26 -14.17 24.24 -3.58
N GLN B 27 -14.59 25.48 -3.33
CA GLN B 27 -13.74 26.66 -3.54
C GLN B 27 -12.52 26.63 -2.60
N LYS B 28 -12.80 26.42 -1.32
CA LYS B 28 -11.77 26.39 -0.27
C LYS B 28 -10.66 25.38 -0.51
N ALA B 29 -10.95 24.32 -1.27
CA ALA B 29 -10.01 23.22 -1.50
C ALA B 29 -9.11 23.42 -2.70
N GLY B 30 -9.33 24.50 -3.45
CA GLY B 30 -8.58 24.76 -4.69
C GLY B 30 -9.13 23.97 -5.86
N LEU B 31 -10.41 23.60 -5.74
CA LEU B 31 -11.07 22.76 -6.73
C LEU B 31 -12.21 23.52 -7.40
N GLU B 32 -11.93 24.74 -7.83
CA GLU B 32 -12.89 25.54 -8.60
C GLU B 32 -12.83 25.13 -10.08
N ASP B 33 -11.65 24.64 -10.48
CA ASP B 33 -11.37 24.20 -11.84
C ASP B 33 -12.09 22.90 -12.22
N ILE B 34 -12.44 22.10 -11.22
CA ILE B 34 -13.09 20.82 -11.41
C ILE B 34 -14.61 21.00 -11.44
N ASP B 35 -15.20 20.82 -12.62
CA ASP B 35 -16.63 21.06 -12.81
C ASP B 35 -17.48 19.96 -12.18
N PHE B 36 -16.98 18.73 -12.25
CA PHE B 36 -17.58 17.53 -11.62
C PHE B 36 -16.51 16.44 -11.56
N PHE B 37 -16.71 15.47 -10.68
CA PHE B 37 -15.79 14.33 -10.54
C PHE B 37 -16.17 13.15 -11.44
N VAL B 38 -15.17 12.60 -12.11
CA VAL B 38 -15.37 11.45 -12.97
C VAL B 38 -15.06 10.17 -12.17
N GLY B 39 -16.11 9.37 -11.93
CA GLY B 39 -16.03 8.21 -11.06
C GLY B 39 -14.92 7.22 -11.37
N MET B 40 -14.76 6.88 -12.64
CA MET B 40 -13.81 5.85 -13.03
C MET B 40 -12.42 6.42 -13.35
N GLU B 41 -12.18 7.68 -12.99
CA GLU B 41 -10.91 8.36 -13.30
C GLU B 41 -10.06 8.55 -12.04
N ALA B 42 -8.75 8.47 -12.20
CA ALA B 42 -7.80 8.61 -11.10
C ALA B 42 -7.42 10.06 -10.81
N TYR B 43 -7.66 10.51 -9.59
CA TYR B 43 -7.23 11.83 -9.08
C TYR B 43 -6.04 11.65 -8.14
N SER B 44 -5.37 12.75 -7.82
CA SER B 44 -4.29 12.73 -6.86
C SER B 44 -4.87 12.71 -5.44
N ASP B 45 -4.28 11.92 -4.56
CA ASP B 45 -4.79 11.83 -3.18
C ASP B 45 -5.03 13.22 -2.59
N ASP B 46 -4.17 14.18 -2.99
CA ASP B 46 -4.28 15.59 -2.60
C ASP B 46 -5.71 16.06 -2.66
N VAL B 47 -6.37 15.78 -3.80
CA VAL B 47 -7.75 16.20 -4.01
C VAL B 47 -8.61 15.78 -2.82
N THR B 48 -8.54 14.52 -2.42
CA THR B 48 -9.35 14.01 -1.32
C THR B 48 -9.01 14.67 0.01
N TYR B 49 -7.70 14.82 0.28
CA TYR B 49 -7.23 15.40 1.55
C TYR B 49 -7.58 16.87 1.67
N HIS B 50 -7.30 17.64 0.61
CA HIS B 50 -7.73 19.04 0.54
C HIS B 50 -9.25 19.15 0.63
N LEU B 51 -9.95 18.15 0.09
CA LEU B 51 -11.40 18.12 0.16
C LEU B 51 -11.92 17.90 1.57
N VAL B 52 -11.34 16.95 2.29
CA VAL B 52 -11.73 16.72 3.70
C VAL B 52 -11.27 17.89 4.57
N GLY B 53 -10.02 18.34 4.38
CA GLY B 53 -9.49 19.53 5.06
C GLY B 53 -10.42 20.75 4.99
N ALA B 54 -10.69 21.20 3.77
CA ALA B 54 -11.65 22.29 3.55
C ALA B 54 -12.97 22.03 4.26
N ALA B 55 -13.55 20.86 4.03
CA ALA B 55 -14.85 20.52 4.60
C ALA B 55 -14.86 20.65 6.12
N SER B 56 -13.70 20.44 6.73
CA SER B 56 -13.56 20.53 8.19
C SER B 56 -13.83 21.95 8.65
N GLU B 57 -13.08 22.90 8.09
CA GLU B 57 -13.27 24.32 8.40
C GLU B 57 -14.73 24.73 8.24
N VAL B 58 -15.25 24.69 7.01
CA VAL B 58 -16.60 25.14 6.72
C VAL B 58 -17.69 24.55 7.61
N LEU B 59 -17.60 23.25 7.92
CA LEU B 59 -18.67 22.59 8.65
C LEU B 59 -18.56 22.77 10.17
N GLY B 60 -17.37 23.15 10.62
CA GLY B 60 -17.09 23.27 12.05
C GLY B 60 -17.19 21.90 12.69
N LYS B 61 -16.52 20.94 12.06
CA LYS B 61 -16.42 19.57 12.56
C LYS B 61 -15.01 19.07 12.28
N PRO B 62 -14.42 18.29 13.21
CA PRO B 62 -13.01 17.91 13.00
C PRO B 62 -12.90 16.75 11.98
N ALA B 63 -11.85 16.79 11.17
CA ALA B 63 -11.71 15.90 10.03
C ALA B 63 -11.98 14.43 10.37
N GLU B 64 -11.45 13.99 11.51
CA GLU B 64 -11.64 12.64 12.02
C GLU B 64 -13.10 12.20 12.02
N GLU B 65 -14.01 13.15 12.18
CA GLU B 65 -15.43 12.85 12.30
C GLU B 65 -16.14 12.88 10.96
N LEU B 66 -15.51 13.55 10.00
CA LEU B 66 -15.97 13.51 8.63
C LEU B 66 -15.56 12.17 8.05
N LEU B 67 -14.27 11.82 8.19
CA LEU B 67 -13.81 10.50 7.78
C LEU B 67 -14.69 9.40 8.34
N ILE B 68 -15.05 9.48 9.62
CA ILE B 68 -15.96 8.48 10.17
C ILE B 68 -17.33 8.49 9.46
N ALA B 69 -17.88 9.69 9.26
CA ALA B 69 -19.19 9.81 8.65
C ALA B 69 -19.16 9.28 7.21
N PHE B 70 -18.07 9.56 6.51
CA PHE B 70 -17.88 9.08 5.16
C PHE B 70 -17.73 7.56 5.10
N GLY B 71 -16.97 7.03 6.05
CA GLY B 71 -16.84 5.61 6.25
C GLY B 71 -18.16 4.88 6.25
N GLU B 72 -19.08 5.32 7.10
CA GLU B 72 -20.40 4.68 7.21
C GLU B 72 -21.25 4.89 5.96
N TYR B 73 -21.12 6.07 5.39
CA TYR B 73 -21.85 6.45 4.21
C TYR B 73 -21.49 5.55 3.03
N TRP B 74 -20.20 5.23 2.91
CA TRP B 74 -19.67 4.45 1.80
C TRP B 74 -20.37 3.12 1.62
N VAL B 75 -20.63 2.39 2.70
CA VAL B 75 -21.32 1.10 2.62
C VAL B 75 -22.69 1.21 1.93
N THR B 76 -23.37 2.35 2.15
CA THR B 76 -24.68 2.58 1.56
C THR B 76 -24.54 3.08 0.15
N TYR B 77 -23.64 4.03 -0.05
CA TYR B 77 -23.42 4.66 -1.33
C TYR B 77 -23.05 3.65 -2.40
N THR B 78 -22.08 2.78 -2.10
CA THR B 78 -21.64 1.76 -3.04
C THR B 78 -22.78 0.81 -3.47
N SER B 79 -23.61 0.39 -2.53
CA SER B 79 -24.70 -0.56 -2.83
C SER B 79 -25.75 0.08 -3.73
N GLU B 80 -25.63 1.39 -3.94
CA GLU B 80 -26.65 2.11 -4.69
C GLU B 80 -26.09 2.81 -5.89
N GLU B 81 -24.78 2.76 -6.09
CA GLU B 81 -24.15 3.40 -7.23
C GLU B 81 -23.48 2.39 -8.14
N GLY B 82 -23.96 1.14 -8.11
CA GLY B 82 -23.44 0.10 -9.00
C GLY B 82 -22.61 -1.05 -8.43
N TYR B 83 -22.48 -1.13 -7.10
CA TYR B 83 -21.63 -2.13 -6.48
C TYR B 83 -22.43 -2.95 -5.49
N GLY B 84 -23.74 -2.88 -5.61
CA GLY B 84 -24.66 -3.64 -4.78
C GLY B 84 -24.45 -5.14 -4.84
N GLU B 85 -24.31 -5.68 -6.04
CA GLU B 85 -24.16 -7.11 -6.19
C GLU B 85 -22.79 -7.59 -5.79
N LEU B 86 -21.77 -6.74 -6.02
CA LEU B 86 -20.41 -7.02 -5.55
C LEU B 86 -20.39 -7.13 -4.03
N LEU B 87 -20.97 -6.14 -3.35
CA LEU B 87 -21.14 -6.18 -1.90
C LEU B 87 -21.80 -7.48 -1.44
N ALA B 88 -22.92 -7.83 -2.06
CA ALA B 88 -23.62 -9.09 -1.75
C ALA B 88 -22.72 -10.30 -1.93
N SER B 89 -21.87 -10.32 -2.93
CA SER B 89 -21.05 -11.52 -3.14
C SER B 89 -19.97 -11.69 -2.06
N ALA B 90 -19.65 -10.63 -1.33
CA ALA B 90 -18.58 -10.66 -0.33
C ALA B 90 -19.05 -11.27 1.00
N GLY B 91 -20.33 -11.58 1.10
CA GLY B 91 -20.80 -12.43 2.20
C GLY B 91 -21.98 -11.90 2.97
N ASP B 92 -22.49 -12.73 3.88
CA ASP B 92 -23.72 -12.37 4.57
C ASP B 92 -23.55 -12.17 6.09
N SER B 93 -22.32 -11.88 6.52
CA SER B 93 -22.05 -11.55 7.91
C SER B 93 -20.77 -10.74 8.01
N LEU B 94 -20.56 -10.10 9.14
CA LEU B 94 -19.38 -9.23 9.30
C LEU B 94 -18.04 -9.98 9.22
N PRO B 95 -17.83 -11.06 9.98
CA PRO B 95 -16.50 -11.68 9.85
C PRO B 95 -16.20 -12.30 8.47
N GLU B 96 -17.19 -12.95 7.87
CA GLU B 96 -17.05 -13.42 6.49
C GLU B 96 -16.70 -12.29 5.51
N PHE B 97 -17.50 -11.23 5.50
CA PHE B 97 -17.21 -10.03 4.69
C PHE B 97 -15.77 -9.57 4.84
N MET B 98 -15.32 -9.36 6.09
CA MET B 98 -13.95 -8.93 6.35
C MET B 98 -12.90 -9.91 5.83
N GLU B 99 -13.16 -11.21 5.91
CA GLU B 99 -12.24 -12.17 5.30
C GLU B 99 -12.18 -11.99 3.78
N ASN B 100 -13.30 -11.66 3.13
CA ASN B 100 -13.39 -11.47 1.68
C ASN B 100 -12.98 -10.10 1.20
N LEU B 101 -12.52 -9.23 2.11
CA LEU B 101 -12.33 -7.82 1.72
C LEU B 101 -11.24 -7.62 0.66
N ASP B 102 -10.10 -8.28 0.82
CA ASP B 102 -9.00 -8.13 -0.12
C ASP B 102 -9.41 -8.65 -1.49
N ASN B 103 -10.21 -9.70 -1.50
CA ASN B 103 -10.73 -10.25 -2.73
C ASN B 103 -11.72 -9.32 -3.39
N LEU B 104 -12.60 -8.70 -2.58
CA LEU B 104 -13.53 -7.71 -3.09
C LEU B 104 -12.77 -6.60 -3.81
N HIS B 105 -11.72 -6.08 -3.18
CA HIS B 105 -10.96 -5.00 -3.79
C HIS B 105 -10.14 -5.48 -4.97
N ALA B 106 -9.77 -6.76 -4.99
CA ALA B 106 -9.08 -7.35 -6.17
C ALA B 106 -9.99 -7.27 -7.39
N ARG B 107 -11.28 -7.57 -7.19
CA ARG B 107 -12.27 -7.48 -8.26
C ARG B 107 -12.41 -6.06 -8.74
N VAL B 108 -12.63 -5.14 -7.81
CA VAL B 108 -12.67 -3.72 -8.13
C VAL B 108 -11.41 -3.32 -8.93
N GLY B 109 -10.26 -3.87 -8.57
CA GLY B 109 -9.00 -3.60 -9.27
C GLY B 109 -8.96 -4.05 -10.73
N LEU B 110 -9.95 -4.85 -11.13
CA LEU B 110 -10.08 -5.28 -12.53
C LEU B 110 -10.64 -4.12 -13.36
N SER B 111 -11.65 -3.47 -12.81
CA SER B 111 -12.23 -2.29 -13.43
C SER B 111 -11.32 -1.06 -13.29
N PHE B 112 -10.73 -0.89 -12.12
CA PHE B 112 -9.95 0.27 -11.79
C PHE B 112 -8.47 -0.14 -11.75
N PRO B 113 -7.81 -0.15 -12.92
CA PRO B 113 -6.45 -0.74 -12.96
C PRO B 113 -5.37 -0.06 -12.09
N GLN B 114 -5.59 1.19 -11.68
CA GLN B 114 -4.59 1.89 -10.84
C GLN B 114 -4.94 1.89 -9.34
N LEU B 115 -5.83 0.98 -8.94
CA LEU B 115 -6.28 0.91 -7.56
C LEU B 115 -5.10 0.66 -6.63
N ARG B 116 -5.07 1.40 -5.53
CA ARG B 116 -4.17 1.12 -4.43
C ARG B 116 -5.07 0.74 -3.28
N PRO B 117 -5.52 -0.52 -3.23
CA PRO B 117 -6.54 -0.84 -2.23
C PRO B 117 -5.89 -1.00 -0.85
N PRO B 118 -6.69 -1.01 0.22
CA PRO B 118 -5.98 -1.29 1.47
C PRO B 118 -5.84 -2.81 1.62
N ALA B 119 -5.07 -3.27 2.61
CA ALA B 119 -5.06 -4.68 2.95
C ALA B 119 -5.57 -4.91 4.38
N PHE B 120 -6.50 -5.85 4.52
CA PHE B 120 -7.11 -6.19 5.79
C PHE B 120 -6.95 -7.67 6.07
N GLU B 121 -6.38 -7.98 7.24
CA GLU B 121 -6.26 -9.36 7.74
C GLU B 121 -6.98 -9.57 9.07
N CYS B 122 -7.78 -10.62 9.14
CA CYS B 122 -8.48 -10.99 10.36
C CYS B 122 -7.76 -12.07 11.15
N GLN B 123 -7.53 -11.80 12.43
CA GLN B 123 -7.22 -12.86 13.38
C GLN B 123 -8.43 -13.08 14.27
N HIS B 124 -9.12 -14.18 14.09
CA HIS B 124 -10.35 -14.46 14.84
C HIS B 124 -9.96 -14.96 16.20
N THR B 125 -10.55 -14.37 17.24
CA THR B 125 -10.23 -14.72 18.63
C THR B 125 -11.37 -15.53 19.28
N SER B 126 -12.54 -15.53 18.64
CA SER B 126 -13.67 -16.36 19.01
C SER B 126 -14.70 -16.15 17.93
N SER B 127 -15.87 -16.76 18.09
CA SER B 127 -16.91 -16.66 17.06
C SER B 127 -17.61 -15.31 17.09
N LYS B 128 -17.14 -14.43 17.99
CA LYS B 128 -17.79 -13.14 18.22
C LYS B 128 -16.81 -11.96 18.26
N SER B 129 -15.53 -12.23 18.05
CA SER B 129 -14.51 -11.21 18.17
C SER B 129 -13.31 -11.47 17.28
N MET B 130 -12.66 -10.40 16.81
CA MET B 130 -11.43 -10.51 16.01
C MET B 130 -10.49 -9.35 16.24
N GLU B 131 -9.24 -9.55 15.83
CA GLU B 131 -8.24 -8.50 15.79
C GLU B 131 -8.05 -8.23 14.31
N LEU B 132 -8.36 -7.01 13.88
CA LEU B 132 -8.31 -6.65 12.47
C LEU B 132 -7.07 -5.82 12.16
N HIS B 133 -6.32 -6.26 11.14
CA HIS B 133 -5.10 -5.58 10.69
C HIS B 133 -5.29 -4.74 9.44
N TYR B 134 -4.98 -3.46 9.54
CA TYR B 134 -5.21 -2.55 8.45
C TYR B 134 -3.87 -2.01 7.95
N GLN B 135 -3.51 -2.43 6.74
CA GLN B 135 -2.30 -1.92 6.08
C GLN B 135 -2.66 -1.14 4.83
N SER B 136 -1.99 -0.01 4.64
CA SER B 136 -2.34 0.94 3.60
C SER B 136 -1.11 1.65 3.10
N THR B 137 -1.20 2.25 1.92
CA THR B 137 -0.12 3.09 1.42
C THR B 137 -0.36 4.53 1.79
N ARG B 138 -1.43 4.81 2.52
CA ARG B 138 -1.81 6.19 2.82
C ARG B 138 -1.87 6.44 4.33
N CYS B 139 -1.86 7.72 4.71
CA CYS B 139 -1.91 8.09 6.13
C CYS B 139 -3.26 8.59 6.58
N GLY B 140 -3.57 8.34 7.85
CA GLY B 140 -4.69 9.01 8.52
C GLY B 140 -6.09 8.58 8.14
N LEU B 141 -6.24 7.40 7.55
CA LEU B 141 -7.56 6.94 7.13
C LEU B 141 -8.28 5.99 8.12
N ALA B 142 -7.60 5.61 9.20
CA ALA B 142 -8.22 4.76 10.23
C ALA B 142 -9.61 5.21 10.74
N PRO B 143 -9.81 6.52 10.98
CA PRO B 143 -11.18 6.87 11.36
C PRO B 143 -12.20 6.39 10.31
N MET B 144 -11.86 6.51 9.04
CA MET B 144 -12.73 6.02 7.96
C MET B 144 -13.07 4.53 8.14
N VAL B 145 -12.05 3.71 8.45
CA VAL B 145 -12.25 2.30 8.71
C VAL B 145 -13.24 2.08 9.85
N LEU B 146 -13.17 2.88 10.90
CA LEU B 146 -14.17 2.80 11.98
C LEU B 146 -15.58 3.00 11.45
N GLY B 147 -15.76 4.01 10.59
CA GLY B 147 -17.04 4.25 9.95
C GLY B 147 -17.47 3.04 9.12
N LEU B 148 -16.55 2.55 8.27
CA LEU B 148 -16.83 1.39 7.45
C LEU B 148 -17.34 0.23 8.29
N LEU B 149 -16.68 -0.02 9.41
CA LEU B 149 -17.10 -1.10 10.30
C LEU B 149 -18.50 -0.87 10.86
N HIS B 150 -18.84 0.37 11.22
CA HIS B 150 -20.20 0.64 11.67
C HIS B 150 -21.24 0.52 10.55
N GLY B 151 -20.86 0.92 9.34
CA GLY B 151 -21.72 0.77 8.18
C GLY B 151 -22.01 -0.70 7.89
N LEU B 152 -21.01 -1.56 8.07
CA LEU B 152 -21.20 -2.99 7.89
C LEU B 152 -22.00 -3.59 9.04
N GLY B 153 -21.91 -3.00 10.22
CA GLY B 153 -22.72 -3.43 11.36
C GLY B 153 -24.18 -3.19 11.03
N LYS B 154 -24.49 -2.02 10.50
CA LYS B 154 -25.85 -1.74 10.06
C LYS B 154 -26.28 -2.69 8.94
N ARG B 155 -25.40 -2.90 7.96
CA ARG B 155 -25.70 -3.80 6.84
C ARG B 155 -26.00 -5.25 7.26
N PHE B 156 -25.25 -5.78 8.21
CA PHE B 156 -25.49 -7.14 8.71
C PHE B 156 -26.31 -7.22 9.98
N GLN B 157 -26.97 -6.10 10.32
CA GLN B 157 -27.78 -5.99 11.54
C GLN B 157 -27.04 -6.60 12.74
N THR B 158 -25.76 -6.25 12.86
CA THR B 158 -24.88 -6.75 13.88
C THR B 158 -24.43 -5.56 14.72
N LYS B 159 -24.23 -5.79 16.02
CA LYS B 159 -23.68 -4.79 16.89
C LYS B 159 -22.18 -4.91 16.80
N VAL B 160 -21.50 -3.84 16.42
CA VAL B 160 -20.04 -3.85 16.38
C VAL B 160 -19.47 -2.91 17.43
N GLU B 161 -18.70 -3.46 18.36
CA GLU B 161 -17.86 -2.66 19.25
C GLU B 161 -16.44 -2.73 18.76
N VAL B 162 -15.91 -1.58 18.37
CA VAL B 162 -14.56 -1.54 17.80
C VAL B 162 -13.75 -0.42 18.40
N THR B 163 -12.50 -0.73 18.75
CA THR B 163 -11.52 0.24 19.25
C THR B 163 -10.15 -0.02 18.60
N GLN B 164 -9.42 1.07 18.27
CA GLN B 164 -8.12 0.96 17.64
C GLN B 164 -7.04 0.78 18.68
N THR B 165 -6.24 -0.28 18.55
CA THR B 165 -5.27 -0.62 19.60
C THR B 165 -3.79 -0.46 19.17
N ALA B 166 -3.58 -0.07 17.91
CA ALA B 166 -2.25 0.24 17.36
C ALA B 166 -2.43 1.28 16.29
N PHE B 167 -1.45 2.17 16.15
CA PHE B 167 -1.57 3.32 15.28
C PHE B 167 -0.31 3.49 14.45
N ARG B 168 -0.44 3.35 13.12
CA ARG B 168 0.70 3.52 12.21
C ARG B 168 1.30 4.91 12.27
N GLU B 169 0.49 5.91 12.62
CA GLU B 169 0.99 7.27 12.70
C GLU B 169 1.94 7.52 13.87
N THR B 170 1.97 6.63 14.85
CA THR B 170 2.92 6.75 15.97
C THR B 170 4.04 5.71 15.92
N GLY B 171 4.32 5.19 14.72
CA GLY B 171 5.47 4.30 14.51
C GLY B 171 5.29 2.82 14.81
N GLU B 172 4.07 2.39 15.11
CA GLU B 172 3.83 0.94 15.07
C GLU B 172 3.72 0.56 13.59
N ASP B 173 3.93 -0.72 13.28
CA ASP B 173 3.99 -1.18 11.90
C ASP B 173 2.73 -0.76 11.11
N HIS B 174 1.57 -0.94 11.72
CA HIS B 174 0.30 -0.66 11.06
C HIS B 174 -0.83 -0.59 12.07
N ASP B 175 -1.95 0.01 11.63
CA ASP B 175 -3.16 0.12 12.42
C ASP B 175 -3.76 -1.22 12.71
N ILE B 176 -4.18 -1.41 13.96
CA ILE B 176 -4.85 -2.63 14.43
C ILE B 176 -6.11 -2.24 15.23
N PHE B 177 -7.18 -3.00 15.03
CA PHE B 177 -8.46 -2.74 15.70
C PHE B 177 -8.89 -4.01 16.39
N SER B 178 -9.43 -3.89 17.60
CA SER B 178 -10.10 -5.03 18.23
C SER B 178 -11.59 -4.87 18.11
N ILE B 179 -12.26 -5.94 17.70
CA ILE B 179 -13.67 -5.90 17.29
C ILE B 179 -14.50 -6.96 18.02
N LYS B 180 -15.60 -6.54 18.64
CA LYS B 180 -16.59 -7.47 19.18
C LYS B 180 -17.91 -7.26 18.49
N TYR B 181 -18.54 -8.34 18.05
CA TYR B 181 -19.79 -8.25 17.28
C TYR B 181 -20.89 -9.16 17.78
N GLU B 182 -22.13 -8.80 17.40
CA GLU B 182 -23.39 -9.28 18.02
C GLU B 182 -23.30 -10.35 19.11
CHA HEM C . 8.19 -5.59 -4.31
CHB HEM C . 8.12 -7.91 -8.54
CHC HEM C . 11.26 -4.62 -10.17
CHD HEM C . 10.43 -1.81 -6.35
C1A HEM C . 7.97 -6.50 -5.29
C2A HEM C . 7.28 -7.76 -5.09
C3A HEM C . 7.26 -8.40 -6.26
C4A HEM C . 7.93 -7.59 -7.23
CMA HEM C . 6.66 -9.79 -6.55
CAA HEM C . 6.70 -8.25 -3.72
CBA HEM C . 5.30 -7.66 -3.50
CGA HEM C . 4.33 -8.64 -2.86
O1A HEM C . 4.59 -9.88 -2.78
O2A HEM C . 3.26 -8.19 -2.41
C1B HEM C . 9.04 -7.24 -9.32
C2B HEM C . 9.54 -7.69 -10.61
C3B HEM C . 10.41 -6.77 -11.03
C4B HEM C . 10.47 -5.72 -10.04
CMB HEM C . 9.14 -9.01 -11.30
CAB HEM C . 11.22 -6.77 -12.32
CBB HEM C . 10.71 -7.30 -13.42
C1C HEM C . 11.30 -3.59 -9.28
C2C HEM C . 12.13 -2.43 -9.42
C3C HEM C . 11.92 -1.64 -8.37
C4C HEM C . 10.93 -2.28 -7.53
CMC HEM C . 13.12 -2.16 -10.57
CAC HEM C . 12.63 -0.29 -8.15
CBC HEM C . 12.09 0.63 -7.34
C1D HEM C . 9.91 -2.60 -5.36
C2D HEM C . 9.86 -2.31 -3.94
C3D HEM C . 9.15 -3.50 -3.29
C4D HEM C . 8.85 -4.39 -4.40
CMD HEM C . 10.40 -1.05 -3.24
CAD HEM C . 8.84 -3.72 -1.79
CBD HEM C . 7.33 -3.85 -1.56
CGD HEM C . 6.73 -2.65 -0.85
O1D HEM C . 7.27 -1.52 -0.91
O2D HEM C . 5.67 -2.84 -0.21
NA HEM C . 8.35 -6.42 -6.62
NB HEM C . 9.63 -6.03 -9.01
NC HEM C . 10.56 -3.48 -8.10
ND HEM C . 9.31 -3.83 -5.59
FE HEM C . 9.26 -4.86 -7.37
N NO D . 10.74 -5.04 -6.32
O NO D . 11.42 -5.81 -5.83
CHA HEM E . -10.32 2.55 -0.79
CHB HEM E . -13.64 0.81 -3.83
CHC HEM E . -15.84 -1.38 -0.21
CHD HEM E . -12.18 -0.20 2.78
C1A HEM E . -11.09 2.33 -1.91
C2A HEM E . -10.94 3.00 -3.20
C3A HEM E . -11.88 2.49 -4.02
C4A HEM E . -12.61 1.52 -3.28
CMA HEM E . -12.20 2.81 -5.50
CAA HEM E . -9.91 4.10 -3.55
CBA HEM E . -8.50 3.53 -3.65
CGA HEM E . -7.74 4.06 -4.85
O1A HEM E . -8.16 5.06 -5.52
O2A HEM E . -6.67 3.47 -5.17
C1B HEM E . -14.54 0.11 -3.12
C2B HEM E . -15.78 -0.39 -3.66
C3B HEM E . -16.40 -1.00 -2.65
C4B HEM E . -15.58 -0.90 -1.46
CMB HEM E . -16.30 -0.25 -5.11
CAB HEM E . -17.77 -1.69 -2.80
CBB HEM E . -18.00 -2.84 -2.16
C1C HEM E . -15.05 -1.22 0.91
C2C HEM E . -15.41 -1.68 2.24
C3C HEM E . -14.42 -1.37 3.06
C4C HEM E . -13.39 -0.69 2.30
CMC HEM E . -16.73 -2.38 2.62
CAC HEM E . -14.47 -1.70 4.57
CBC HEM E . -13.39 -1.91 5.33
C1D HEM E . -11.40 0.75 2.15
C2D HEM E . -10.43 1.62 2.80
C3D HEM E . -9.85 2.50 1.69
C4D HEM E . -10.52 2.06 0.48
CMD HEM E . -10.07 1.66 4.29
CAD HEM E . -8.76 3.60 1.84
CBD HEM E . -7.62 3.31 0.84
CGD HEM E . -6.28 3.11 1.50
O1D HEM E . -6.24 2.64 2.67
O2D HEM E . -5.23 3.42 0.88
NA HEM E . -12.12 1.42 -1.99
NB HEM E . -14.43 -0.21 -1.78
NC HEM E . -13.80 -0.62 0.99
ND HEM E . -11.42 1.04 0.79
FE HEM E . -12.82 0.31 -0.48
N NO F . -13.52 1.68 0.38
O NO F . -13.83 2.78 0.57
#